data_7KFP
#
_entry.id   7KFP
#
_cell.length_a   66.532
_cell.length_b   88.660
_cell.length_c   94.426
_cell.angle_alpha   90.000
_cell.angle_beta   90.000
_cell.angle_gamma   90.000
#
_symmetry.space_group_name_H-M   'P 21 21 21'
#
loop_
_entity.id
_entity.type
_entity.pdbx_description
1 polymer 'Poly(ADP-ribose) glycohydrolase'
2 non-polymer N-{[2-(1,3-dimethyl-2-oxo-6-sulfanylidene-1,2,3,6-tetrahydro-7H-purin-7-yl)ethyl]carbamoyl}methanesulfonamide
3 non-polymer 'DIMETHYL SULFOXIDE'
4 non-polymer GLYCEROL
5 non-polymer 'SULFATE ION'
6 water water
#
_entity_poly.entity_id   1
_entity_poly.type   'polypeptide(L)'
_entity_poly.pdbx_seq_one_letter_code
;GSSPDKKWLGTPIEEMRRMPRCGIRLPLLRPSANHTVTIRVDLLRAGEVPKPFPTHYKDLWDNKHVKMPCSEQNLYPVED
ENGERTAGSRWELIQTALLNKFTRPQNLKDAILKYNVAYSKKWDFTALIDFWDKVLEEAEAQHLYQSILPDMVKIAL
(CME)LPNICTQPIPLLAAAMNHSITMSQEQIASLLANAFFCTFPRRNAKMKSEYSSYPDINFNRLFEGRSSRKPEKLKT
LFCYFRRVTAAAPTGLVTFTRQSLEDFPEWERCEKPLTRLHVTYEGTIEENGQGMLQVDFANRFVGGGVTSAGLVQEEIR
FLINPELIISRLFTEVLDHNECLIITGTEQYSEYTGYAETYRWSRSHEDGSERDDWQRRCTEIVAIDALHFRRYLDQFVP
EKMRRELNKAYCGFLRPGVSSENLSAVATGNWGCGAFGGDARLKALIQILAAAAAERDVVYFTFGDSELMRDIYSMHIFL
TERKLTVGDVYKLLLRYYNEECRNCSTPGPDIKLYPFIYHAVESCAETADHSGQRTGT
;
_entity_poly.pdbx_strand_id   A
#
# COMPACT_ATOMS: atom_id res chain seq x y z
N LYS A 6 -22.32 22.98 1.35
CA LYS A 6 -22.13 21.95 2.37
C LYS A 6 -20.79 21.26 2.14
N LYS A 7 -20.18 20.75 3.21
CA LYS A 7 -18.86 20.13 3.11
C LYS A 7 -18.92 18.67 2.68
N TRP A 8 -20.09 18.04 2.79
CA TRP A 8 -20.28 16.65 2.42
C TRP A 8 -21.71 16.49 1.94
N LEU A 9 -21.94 15.45 1.15
CA LEU A 9 -23.24 15.21 0.56
C LEU A 9 -23.55 13.72 0.63
N GLY A 10 -24.85 13.40 0.65
CA GLY A 10 -25.29 12.03 0.55
C GLY A 10 -25.61 11.40 1.88
N THR A 11 -25.25 10.13 2.03
CA THR A 11 -25.53 9.44 3.29
C THR A 11 -24.58 9.95 4.38
N PRO A 12 -25.07 10.24 5.58
CA PRO A 12 -24.16 10.60 6.67
C PRO A 12 -23.09 9.53 6.86
N ILE A 13 -21.85 9.96 7.10
CA ILE A 13 -20.77 8.99 7.26
C ILE A 13 -21.04 8.10 8.48
N GLU A 14 -21.77 8.62 9.46
CA GLU A 14 -22.09 7.85 10.65
C GLU A 14 -22.95 6.62 10.35
N GLU A 15 -23.65 6.61 9.22
CA GLU A 15 -24.49 5.46 8.87
C GLU A 15 -23.73 4.39 8.09
N MET A 16 -22.46 4.63 7.77
CA MET A 16 -21.69 3.68 6.99
C MET A 16 -21.10 2.60 7.90
N ARG A 17 -21.02 1.38 7.39
CA ARG A 17 -20.47 0.28 8.18
C ARG A 17 -18.96 0.41 8.33
N ARG A 18 -18.47 0.09 9.52
CA ARG A 18 -17.05 0.18 9.83
C ARG A 18 -16.64 -1.00 10.71
N MET A 19 -15.37 -1.40 10.59
CA MET A 19 -14.76 -2.37 11.48
C MET A 19 -14.24 -1.70 12.74
N PRO A 20 -14.25 -2.41 13.88
CA PRO A 20 -14.63 -3.82 14.03
C PRO A 20 -16.12 -4.09 14.26
N ARG A 21 -16.90 -3.05 14.58
CA ARG A 21 -18.30 -3.26 14.96
C ARG A 21 -19.09 -3.99 13.89
N ARG A 25 -16.58 -11.78 13.73
CA ARG A 25 -16.24 -13.02 14.42
C ARG A 25 -15.18 -13.79 13.63
N LEU A 26 -13.92 -13.67 14.06
CA LEU A 26 -12.84 -14.27 13.28
C LEU A 26 -12.67 -15.74 13.63
N PRO A 27 -12.40 -16.60 12.65
CA PRO A 27 -12.06 -18.00 12.95
C PRO A 27 -10.72 -18.08 13.65
N LEU A 28 -10.42 -19.28 14.15
CA LEU A 28 -9.13 -19.51 14.79
C LEU A 28 -7.98 -19.30 13.80
N LEU A 29 -7.05 -18.44 14.18
CA LEU A 29 -5.84 -18.25 13.38
C LEU A 29 -5.05 -19.55 13.32
N ARG A 30 -4.83 -20.05 12.11
CA ARG A 30 -4.16 -21.32 11.95
C ARG A 30 -3.43 -21.32 10.61
N PRO A 31 -2.24 -21.90 10.53
CA PRO A 31 -1.59 -22.06 9.22
C PRO A 31 -2.28 -23.14 8.41
N SER A 32 -2.22 -22.99 7.09
CA SER A 32 -2.81 -23.96 6.17
C SER A 32 -2.14 -23.78 4.82
N ALA A 33 -2.63 -24.52 3.82
CA ALA A 33 -2.01 -24.46 2.51
C ALA A 33 -2.02 -23.04 1.95
N ASN A 34 -3.04 -22.25 2.29
CA ASN A 34 -3.17 -20.90 1.77
C ASN A 34 -2.87 -19.81 2.81
N HIS A 35 -2.41 -20.17 4.00
CA HIS A 35 -2.14 -19.16 5.04
C HIS A 35 -0.85 -19.50 5.77
N THR A 36 0.17 -18.67 5.59
CA THR A 36 1.44 -18.77 6.30
C THR A 36 1.34 -17.94 7.57
N VAL A 37 1.61 -18.55 8.73
CA VAL A 37 1.55 -17.89 10.02
C VAL A 37 2.90 -18.08 10.70
N THR A 38 3.60 -16.99 11.00
CA THR A 38 4.99 -17.04 11.44
C THR A 38 5.17 -16.87 12.96
N ILE A 39 4.09 -17.01 13.74
CA ILE A 39 4.14 -16.85 15.18
C ILE A 39 3.44 -18.04 15.82
N ARG A 40 3.62 -18.16 17.13
CA ARG A 40 2.93 -19.18 17.93
C ARG A 40 1.52 -18.71 18.26
N VAL A 41 0.51 -19.29 17.61
CA VAL A 41 -0.86 -18.84 17.83
C VAL A 41 -1.34 -19.21 19.23
N ASP A 42 -0.90 -20.35 19.77
CA ASP A 42 -1.33 -20.77 21.10
C ASP A 42 -0.85 -19.82 22.20
N LEU A 43 0.19 -19.03 21.93
CA LEU A 43 0.74 -18.09 22.88
C LEU A 43 0.42 -16.64 22.53
N LEU A 44 -0.42 -16.40 21.54
CA LEU A 44 -0.74 -15.03 21.16
C LEU A 44 -1.63 -14.43 22.25
N ARG A 45 -1.19 -13.33 22.84
CA ARG A 45 -1.93 -12.68 23.92
C ARG A 45 -1.82 -11.17 23.77
N ALA A 46 -2.94 -10.50 24.01
CA ALA A 46 -2.98 -9.05 23.95
C ALA A 46 -1.88 -8.44 24.80
N GLY A 47 -1.14 -7.49 24.21
CA GLY A 47 -0.13 -6.75 24.92
C GLY A 47 1.18 -7.49 25.13
N GLU A 48 1.33 -8.69 24.58
CA GLU A 48 2.53 -9.49 24.69
C GLU A 48 3.17 -9.59 23.32
N VAL A 49 4.49 -9.52 23.28
CA VAL A 49 5.23 -9.71 22.01
C VAL A 49 5.02 -11.14 21.53
N PRO A 50 4.60 -11.36 20.29
CA PRO A 50 4.40 -12.74 19.83
C PRO A 50 5.70 -13.51 19.74
N LYS A 51 5.58 -14.82 19.96
CA LYS A 51 6.74 -15.71 19.89
C LYS A 51 6.85 -16.29 18.49
N PRO A 52 8.03 -16.19 17.87
CA PRO A 52 8.18 -16.76 16.52
C PRO A 52 7.98 -18.26 16.53
N PHE A 53 7.41 -18.76 15.43
CA PHE A 53 7.32 -20.18 15.17
C PHE A 53 7.96 -20.42 13.81
N PRO A 54 8.89 -21.37 13.68
CA PRO A 54 9.38 -22.26 14.75
C PRO A 54 10.36 -21.58 15.69
N THR A 55 10.79 -22.31 16.72
CA THR A 55 11.70 -21.74 17.70
C THR A 55 13.10 -21.55 17.14
N HIS A 56 13.53 -22.43 16.24
CA HIS A 56 14.86 -22.40 15.66
C HIS A 56 14.77 -21.99 14.19
N TYR A 57 15.73 -21.16 13.76
CA TYR A 57 15.73 -20.66 12.39
C TYR A 57 15.69 -21.79 11.39
N LYS A 58 14.82 -21.66 10.39
CA LYS A 58 14.73 -22.59 9.26
C LYS A 58 14.87 -21.78 7.99
N ASP A 59 15.67 -22.29 7.06
CA ASP A 59 16.02 -21.56 5.85
C ASP A 59 15.46 -22.26 4.61
N LEU A 60 14.92 -21.47 3.70
CA LEU A 60 14.65 -21.91 2.33
C LEU A 60 15.24 -20.88 1.38
N TRP A 61 16.07 -21.35 0.45
CA TRP A 61 16.78 -20.53 -0.51
C TRP A 61 16.40 -21.08 -1.88
N ASP A 62 15.29 -20.62 -2.44
CA ASP A 62 14.78 -21.15 -3.70
C ASP A 62 13.92 -20.09 -4.37
N ASN A 63 13.28 -20.46 -5.48
CA ASN A 63 12.56 -19.48 -6.28
C ASN A 63 11.14 -19.22 -5.76
N LYS A 64 10.75 -19.80 -4.63
CA LYS A 64 9.40 -19.60 -4.10
C LYS A 64 9.39 -18.89 -2.75
N HIS A 65 10.54 -18.47 -2.23
CA HIS A 65 10.59 -17.88 -0.90
C HIS A 65 11.54 -16.70 -0.91
N VAL A 66 11.35 -15.82 0.07
CA VAL A 66 12.28 -14.72 0.27
C VAL A 66 13.68 -15.30 0.49
N LYS A 67 14.67 -14.70 -0.15
CA LYS A 67 16.06 -15.06 0.06
C LYS A 67 16.60 -14.22 1.22
N MET A 68 16.74 -14.84 2.37
CA MET A 68 17.00 -14.12 3.60
C MET A 68 18.45 -13.66 3.65
N PRO A 69 18.75 -12.48 4.18
CA PRO A 69 20.16 -12.07 4.27
C PRO A 69 20.98 -12.98 5.18
N CYS A 70 20.34 -13.63 6.14
CA CYS A 70 21.05 -14.45 7.11
C CYS A 70 21.18 -15.90 6.65
N SER A 71 20.77 -16.21 5.44
CA SER A 71 20.87 -17.58 4.94
C SER A 71 22.33 -18.01 4.81
N GLU A 72 22.62 -19.25 5.21
CA GLU A 72 23.96 -19.79 4.96
C GLU A 72 24.28 -19.88 3.47
N GLN A 73 23.28 -19.77 2.59
CA GLN A 73 23.51 -19.76 1.16
C GLN A 73 23.69 -18.35 0.59
N ASN A 74 23.59 -17.32 1.42
CA ASN A 74 23.91 -15.96 0.99
C ASN A 74 25.42 -15.80 1.05
N LEU A 75 26.06 -16.02 -0.10
CA LEU A 75 27.51 -16.08 -0.19
C LEU A 75 28.05 -15.00 -1.10
N TYR A 76 29.38 -14.84 -1.06
CA TYR A 76 30.08 -13.95 -1.96
C TYR A 76 31.49 -14.48 -2.21
N GLY A 88 32.76 -16.60 0.88
CA GLY A 88 32.53 -16.04 2.19
C GLY A 88 31.07 -15.87 2.54
N SER A 89 30.77 -15.82 3.84
CA SER A 89 29.41 -15.62 4.31
C SER A 89 29.04 -14.15 4.27
N ARG A 90 28.04 -13.81 3.46
CA ARG A 90 27.60 -12.41 3.42
C ARG A 90 27.00 -11.96 4.75
N TRP A 91 26.34 -12.87 5.47
CA TRP A 91 25.77 -12.48 6.76
C TRP A 91 26.87 -12.14 7.76
N GLU A 92 27.97 -12.91 7.77
CA GLU A 92 29.10 -12.58 8.62
C GLU A 92 29.69 -11.23 8.23
N LEU A 93 29.75 -10.94 6.94
CA LEU A 93 30.26 -9.65 6.50
C LEU A 93 29.34 -8.52 6.93
N ILE A 94 28.02 -8.72 6.82
CA ILE A 94 27.05 -7.71 7.24
C ILE A 94 27.21 -7.41 8.72
N GLN A 95 27.40 -8.47 9.54
CA GLN A 95 27.57 -8.27 10.97
C GLN A 95 28.81 -7.44 11.26
N THR A 96 29.93 -7.79 10.61
CA THR A 96 31.17 -7.06 10.85
C THR A 96 31.05 -5.61 10.40
N ALA A 97 30.38 -5.39 9.27
CA ALA A 97 30.28 -4.03 8.75
C ALA A 97 29.40 -3.16 9.64
N LEU A 98 28.29 -3.71 10.14
CA LEU A 98 27.31 -2.88 10.83
C LEU A 98 27.58 -2.74 12.32
N LEU A 99 28.43 -3.57 12.90
CA LEU A 99 28.80 -3.48 14.32
C LEU A 99 30.00 -2.57 14.51
N ASN A 100 29.93 -1.38 13.94
CA ASN A 100 30.98 -0.38 14.07
C ASN A 100 30.34 0.90 14.52
N LYS A 101 31.08 1.69 15.29
CA LYS A 101 30.58 3.00 15.71
C LYS A 101 30.36 3.86 14.47
N PHE A 102 29.18 4.46 14.38
CA PHE A 102 28.92 5.50 13.40
C PHE A 102 28.98 6.84 14.12
N THR A 103 29.82 7.74 13.61
CA THR A 103 29.87 9.12 14.10
C THR A 103 29.72 10.13 12.98
N ARG A 104 29.81 9.71 11.71
CA ARG A 104 29.71 10.57 10.54
C ARG A 104 28.97 9.81 9.46
N PRO A 105 28.22 10.50 8.61
CA PRO A 105 27.44 9.78 7.59
C PRO A 105 28.28 8.91 6.67
N GLN A 106 29.52 9.31 6.41
CA GLN A 106 30.39 8.45 5.59
C GLN A 106 30.58 7.09 6.23
N ASN A 107 30.61 7.03 7.57
CA ASN A 107 30.75 5.74 8.25
C ASN A 107 29.62 4.79 7.85
N LEU A 108 28.40 5.30 7.72
CA LEU A 108 27.25 4.45 7.42
C LEU A 108 27.25 4.07 5.95
N LYS A 109 27.56 5.01 5.05
CA LYS A 109 27.71 4.66 3.64
C LYS A 109 28.76 3.57 3.47
N ASP A 110 29.93 3.73 4.07
CA ASP A 110 30.99 2.74 3.90
C ASP A 110 30.56 1.38 4.44
N ALA A 111 29.84 1.37 5.55
CA ALA A 111 29.37 0.11 6.13
C ALA A 111 28.44 -0.62 5.17
N ILE A 112 27.45 0.10 4.62
CA ILE A 112 26.48 -0.52 3.73
C ILE A 112 27.17 -1.02 2.47
N LEU A 113 28.16 -0.28 1.97
CA LEU A 113 28.84 -0.68 0.74
C LEU A 113 29.82 -1.82 0.94
N LYS A 114 30.19 -2.15 2.18
CA LYS A 114 31.12 -3.25 2.40
C LYS A 114 30.56 -4.59 1.92
N TYR A 115 29.25 -4.78 2.04
CA TYR A 115 28.58 -5.97 1.53
C TYR A 115 27.75 -5.65 0.28
N ASN A 116 28.04 -4.54 -0.40
CA ASN A 116 27.40 -4.18 -1.67
C ASN A 116 28.46 -3.58 -2.60
N VAL A 117 29.62 -4.23 -2.68
CA VAL A 117 30.78 -3.65 -3.38
C VAL A 117 30.46 -3.35 -4.83
N ALA A 118 29.61 -4.18 -5.47
CA ALA A 118 29.33 -3.99 -6.88
C ALA A 118 28.57 -2.70 -7.16
N TYR A 119 27.96 -2.09 -6.15
CA TYR A 119 27.15 -0.89 -6.30
C TYR A 119 27.84 0.34 -5.73
N SER A 120 29.14 0.24 -5.44
CA SER A 120 29.87 1.34 -4.82
C SER A 120 29.98 2.55 -5.76
N LYS A 121 29.93 2.32 -7.06
CA LYS A 121 30.00 3.42 -8.03
C LYS A 121 28.64 3.73 -8.65
N LYS A 122 27.58 3.05 -8.21
CA LYS A 122 26.25 3.26 -8.75
C LYS A 122 25.30 3.89 -7.75
N TRP A 123 25.47 3.60 -6.48
CA TRP A 123 24.55 4.07 -5.44
C TRP A 123 25.02 5.40 -4.90
N ASP A 124 24.12 6.37 -4.87
CA ASP A 124 24.38 7.72 -4.37
C ASP A 124 23.82 7.85 -2.95
N PHE A 125 24.60 8.44 -2.05
CA PHE A 125 24.19 8.62 -0.66
C PHE A 125 24.02 10.09 -0.29
N THR A 126 23.87 10.96 -1.29
CA THR A 126 23.83 12.40 -1.05
C THR A 126 22.69 12.79 -0.11
N ALA A 127 21.51 12.18 -0.25
CA ALA A 127 20.39 12.56 0.62
C ALA A 127 20.65 12.15 2.07
N LEU A 128 21.28 10.98 2.26
CA LEU A 128 21.60 10.54 3.61
C LEU A 128 22.65 11.44 4.26
N ILE A 129 23.70 11.78 3.51
CA ILE A 129 24.72 12.71 4.01
C ILE A 129 24.10 14.06 4.32
N ASP A 130 23.26 14.56 3.40
CA ASP A 130 22.68 15.89 3.60
C ASP A 130 21.72 15.90 4.78
N PHE A 131 20.94 14.83 4.95
CA PHE A 131 20.03 14.76 6.09
C PHE A 131 20.79 14.85 7.41
N TRP A 132 21.83 14.05 7.55
CA TRP A 132 22.61 13.98 8.79
C TRP A 132 23.41 15.26 9.02
N ASP A 133 24.11 15.75 8.00
CA ASP A 133 25.01 16.88 8.17
C ASP A 133 24.34 18.24 8.00
N LYS A 134 23.31 18.33 7.17
CA LYS A 134 22.79 19.63 6.74
C LYS A 134 21.36 19.90 7.17
N VAL A 135 20.56 18.88 7.43
CA VAL A 135 19.20 19.09 7.91
C VAL A 135 19.14 19.02 9.43
N LEU A 136 19.67 17.96 10.02
CA LEU A 136 19.60 17.78 11.47
C LEU A 136 20.50 18.77 12.21
N GLU A 137 19.99 19.29 13.32
CA GLU A 137 20.85 20.01 14.27
C GLU A 137 21.78 19.03 14.97
N GLU A 138 22.78 19.57 15.68
CA GLU A 138 23.79 18.73 16.29
C GLU A 138 23.17 17.69 17.23
N ALA A 139 22.24 18.10 18.08
CA ALA A 139 21.68 17.15 19.05
C ALA A 139 20.86 16.07 18.38
N GLU A 140 20.15 16.40 17.29
CA GLU A 140 19.37 15.37 16.62
C GLU A 140 20.28 14.39 15.89
N ALA A 141 21.40 14.88 15.34
CA ALA A 141 22.35 13.99 14.69
C ALA A 141 23.02 13.06 15.70
N GLN A 142 23.38 13.58 16.87
CA GLN A 142 23.98 12.71 17.89
C GLN A 142 22.99 11.64 18.32
N HIS A 143 21.70 11.99 18.47
CA HIS A 143 20.70 10.99 18.81
C HIS A 143 20.59 9.93 17.71
N LEU A 144 20.66 10.36 16.45
CA LEU A 144 20.59 9.42 15.34
C LEU A 144 21.73 8.40 15.41
N TYR A 145 22.96 8.87 15.62
CA TYR A 145 24.07 7.93 15.51
C TYR A 145 24.42 7.29 16.84
N GLN A 146 24.03 7.88 17.96
CA GLN A 146 24.31 7.26 19.25
C GLN A 146 23.21 6.30 19.69
N SER A 147 21.96 6.52 19.25
CA SER A 147 20.85 5.72 19.73
C SER A 147 20.07 5.06 18.61
N ILE A 148 19.53 5.81 17.64
CA ILE A 148 18.61 5.23 16.68
C ILE A 148 19.31 4.22 15.78
N LEU A 149 20.42 4.62 15.15
CA LEU A 149 21.07 3.70 14.21
C LEU A 149 21.60 2.45 14.89
N PRO A 150 22.28 2.51 16.04
CA PRO A 150 22.70 1.27 16.70
C PRO A 150 21.55 0.36 17.07
N ASP A 151 20.42 0.93 17.52
CA ASP A 151 19.25 0.11 17.82
C ASP A 151 18.70 -0.54 16.56
N MET A 152 18.75 0.16 15.43
CA MET A 152 18.30 -0.39 14.15
C MET A 152 19.18 -1.54 13.71
N VAL A 153 20.50 -1.39 13.85
CA VAL A 153 21.44 -2.47 13.57
C VAL A 153 21.14 -3.70 14.43
N LYS A 154 20.93 -3.52 15.73
CA LYS A 154 20.71 -4.68 16.59
C LYS A 154 19.44 -5.44 16.21
N ILE A 155 18.35 -4.73 15.87
CA ILE A 155 17.14 -5.46 15.49
C ILE A 155 17.31 -6.10 14.12
N ALA A 156 18.04 -5.44 13.21
CA ALA A 156 18.36 -6.06 11.93
C ALA A 156 19.15 -7.36 12.12
N LEU A 157 20.16 -7.34 12.99
CA LEU A 157 21.05 -8.49 13.12
C LEU A 157 20.38 -9.61 13.94
N LEU A 159 17.63 -10.80 13.10
CA LEU A 159 16.72 -11.43 12.15
C LEU A 159 16.56 -12.95 12.24
N PRO A 160 17.65 -13.72 12.37
CA PRO A 160 17.50 -15.19 12.39
C PRO A 160 16.78 -15.70 13.62
N ASN A 161 16.77 -14.96 14.72
CA ASN A 161 16.01 -15.31 15.91
C ASN A 161 14.58 -14.78 15.87
N ILE A 162 14.30 -13.83 14.98
CA ILE A 162 12.99 -13.20 14.89
C ILE A 162 12.15 -13.80 13.78
N CYS A 163 12.74 -13.90 12.60
CA CYS A 163 12.04 -14.37 11.41
C CYS A 163 12.51 -15.80 11.12
N THR A 164 12.08 -16.71 11.98
CA THR A 164 12.59 -18.08 11.93
C THR A 164 11.95 -18.93 10.83
N GLN A 165 10.78 -18.54 10.31
CA GLN A 165 10.05 -19.33 9.33
C GLN A 165 10.23 -18.75 7.93
N PRO A 166 10.53 -19.58 6.93
CA PRO A 166 10.62 -19.06 5.56
C PRO A 166 9.37 -18.32 5.14
N ILE A 167 9.55 -17.21 4.41
CA ILE A 167 8.48 -16.36 3.97
C ILE A 167 8.21 -16.65 2.50
N PRO A 168 7.06 -17.20 2.13
CA PRO A 168 6.78 -17.44 0.71
C PRO A 168 6.59 -16.14 -0.03
N LEU A 169 6.99 -16.15 -1.29
CA LEU A 169 6.64 -15.08 -2.20
C LEU A 169 5.15 -15.18 -2.53
N LEU A 170 4.45 -14.04 -2.45
CA LEU A 170 3.09 -13.92 -2.96
C LEU A 170 3.18 -13.67 -4.45
N ALA A 171 3.27 -14.75 -5.22
CA ALA A 171 3.54 -14.68 -6.64
C ALA A 171 2.26 -14.50 -7.44
N ALA A 172 2.44 -14.10 -8.69
CA ALA A 172 1.32 -13.90 -9.59
C ALA A 172 0.42 -15.12 -9.62
N ALA A 173 -0.89 -14.87 -9.53
CA ALA A 173 -1.97 -15.84 -9.56
C ALA A 173 -2.10 -16.62 -8.25
N MET A 174 -1.29 -16.35 -7.23
CA MET A 174 -1.47 -17.02 -5.94
C MET A 174 -2.57 -16.33 -5.14
N ASN A 175 -3.46 -17.13 -4.58
CA ASN A 175 -4.38 -16.66 -3.54
C ASN A 175 -3.81 -17.18 -2.23
N HIS A 176 -3.13 -16.31 -1.49
CA HIS A 176 -2.35 -16.75 -0.34
C HIS A 176 -2.20 -15.59 0.62
N SER A 177 -2.12 -15.92 1.90
CA SER A 177 -1.97 -14.93 2.95
C SER A 177 -0.74 -15.24 3.79
N ILE A 178 -0.11 -14.18 4.28
CA ILE A 178 0.97 -14.26 5.27
C ILE A 178 0.57 -13.43 6.46
N THR A 179 0.58 -14.04 7.65
CA THR A 179 0.37 -13.31 8.89
C THR A 179 1.63 -13.40 9.75
N MET A 180 2.13 -12.25 10.15
CA MET A 180 3.44 -12.09 10.80
C MET A 180 3.30 -10.99 11.84
N SER A 181 4.26 -10.92 12.75
CA SER A 181 4.18 -9.93 13.81
C SER A 181 4.76 -8.59 13.35
N GLN A 182 4.27 -7.51 13.98
CA GLN A 182 4.88 -6.21 13.74
C GLN A 182 6.36 -6.22 14.10
N GLU A 183 6.77 -6.99 15.12
CA GLU A 183 8.18 -7.04 15.48
C GLU A 183 9.00 -7.69 14.37
N GLN A 184 8.48 -8.76 13.77
CA GLN A 184 9.18 -9.40 12.65
C GLN A 184 9.32 -8.43 11.49
N ILE A 185 8.27 -7.66 11.21
CA ILE A 185 8.32 -6.67 10.14
C ILE A 185 9.39 -5.62 10.42
N ALA A 186 9.53 -5.21 11.69
CA ALA A 186 10.53 -4.20 12.04
C ALA A 186 11.94 -4.72 11.80
N SER A 187 12.20 -5.99 12.11
CA SER A 187 13.51 -6.56 11.85
C SER A 187 13.79 -6.60 10.35
N LEU A 188 12.79 -7.00 9.57
CA LEU A 188 12.95 -7.05 8.12
C LEU A 188 13.14 -5.65 7.54
N LEU A 189 12.39 -4.67 8.04
CA LEU A 189 12.53 -3.32 7.47
C LEU A 189 13.87 -2.69 7.87
N ALA A 190 14.40 -3.03 9.05
CA ALA A 190 15.73 -2.54 9.41
C ALA A 190 16.77 -3.12 8.45
N ASN A 191 16.63 -4.39 8.09
CA ASN A 191 17.49 -4.95 7.05
C ASN A 191 17.33 -4.21 5.72
N ALA A 192 16.10 -3.85 5.35
CA ALA A 192 15.91 -3.11 4.09
C ALA A 192 16.60 -1.75 4.15
N PHE A 193 16.53 -1.08 5.30
CA PHE A 193 17.22 0.19 5.44
C PHE A 193 18.72 0.04 5.20
N PHE A 194 19.34 -0.98 5.79
CA PHE A 194 20.76 -1.24 5.61
C PHE A 194 21.06 -1.97 4.30
N CYS A 195 20.05 -2.18 3.46
CA CYS A 195 20.24 -2.73 2.11
C CYS A 195 20.84 -4.13 2.13
N THR A 196 20.35 -5.01 3.02
CA THR A 196 20.96 -6.33 3.14
C THR A 196 20.26 -7.44 2.35
N PHE A 197 19.13 -7.19 1.70
CA PHE A 197 18.44 -8.30 1.02
C PHE A 197 19.16 -8.67 -0.27
N PRO A 198 19.64 -9.90 -0.41
CA PRO A 198 20.40 -10.26 -1.61
C PRO A 198 19.51 -10.54 -2.81
N ARG A 199 20.11 -10.39 -4.00
CA ARG A 199 19.45 -10.62 -5.28
C ARG A 199 18.33 -9.63 -5.56
N ARG A 200 18.31 -8.48 -4.87
CA ARG A 200 17.25 -7.50 -5.07
C ARG A 200 17.79 -6.16 -5.59
N ASN A 201 19.01 -6.12 -6.11
CA ASN A 201 19.64 -4.84 -6.42
C ASN A 201 19.94 -4.58 -7.89
N ALA A 202 20.11 -5.62 -8.70
CA ALA A 202 20.61 -5.40 -10.07
C ALA A 202 19.52 -4.83 -10.97
N LYS A 203 19.89 -3.81 -11.75
CA LYS A 203 18.94 -3.21 -12.69
C LYS A 203 18.47 -4.24 -13.72
N MET A 204 19.41 -4.98 -14.29
CA MET A 204 19.09 -5.96 -15.35
C MET A 204 19.09 -7.37 -14.77
N LYS A 205 18.22 -7.60 -13.79
CA LYS A 205 18.11 -8.89 -13.15
C LYS A 205 17.02 -9.72 -13.81
N SER A 206 17.19 -11.04 -13.75
CA SER A 206 16.12 -11.95 -14.15
C SER A 206 15.26 -12.30 -12.95
N GLU A 207 15.85 -12.97 -11.96
CA GLU A 207 15.15 -13.23 -10.71
C GLU A 207 14.71 -11.91 -10.11
N TYR A 208 13.46 -11.88 -9.63
CA TYR A 208 12.89 -10.73 -8.95
C TYR A 208 12.72 -9.49 -9.83
N SER A 209 12.87 -9.61 -11.15
CA SER A 209 12.59 -8.48 -12.02
C SER A 209 11.14 -8.06 -11.95
N SER A 210 10.24 -8.96 -11.58
CA SER A 210 8.83 -8.67 -11.46
C SER A 210 8.43 -8.31 -10.03
N TYR A 211 9.40 -7.98 -9.19
CA TYR A 211 9.13 -7.59 -7.82
C TYR A 211 9.61 -6.16 -7.59
N PRO A 212 9.04 -5.46 -6.62
CA PRO A 212 9.47 -4.09 -6.34
C PRO A 212 10.86 -4.06 -5.70
N ASP A 213 11.49 -2.90 -5.76
CA ASP A 213 12.66 -2.67 -4.92
C ASP A 213 12.25 -2.86 -3.46
N ILE A 214 13.12 -3.45 -2.66
CA ILE A 214 12.92 -3.51 -1.22
C ILE A 214 14.02 -2.78 -0.47
N ASN A 215 15.29 -2.97 -0.87
CA ASN A 215 16.38 -2.28 -0.18
C ASN A 215 16.21 -0.78 -0.38
N PHE A 216 16.61 -0.01 0.63
CA PHE A 216 16.29 1.42 0.70
C PHE A 216 17.32 2.32 0.02
N ASN A 217 18.22 1.79 -0.82
CA ASN A 217 19.34 2.62 -1.26
C ASN A 217 18.90 3.88 -2.02
N ARG A 218 17.80 3.81 -2.78
CA ARG A 218 17.38 5.00 -3.51
C ARG A 218 16.79 6.08 -2.61
N LEU A 219 16.44 5.75 -1.36
CA LEU A 219 16.07 6.76 -0.40
C LEU A 219 17.23 7.68 -0.06
N PHE A 220 18.46 7.21 -0.28
CA PHE A 220 19.64 7.96 0.09
C PHE A 220 20.20 8.82 -1.04
N GLU A 221 19.58 8.81 -2.21
CA GLU A 221 20.16 9.44 -3.39
C GLU A 221 19.53 10.81 -3.66
N GLY A 222 20.35 11.71 -4.20
CA GLY A 222 19.85 12.97 -4.71
C GLY A 222 19.67 14.07 -3.67
N ARG A 223 19.08 15.19 -4.11
CA ARG A 223 18.97 16.36 -3.25
C ARG A 223 17.53 16.90 -3.17
N SER A 224 16.54 16.08 -3.47
CA SER A 224 15.17 16.56 -3.32
C SER A 224 14.90 16.97 -1.88
N SER A 225 14.16 18.06 -1.69
CA SER A 225 13.75 18.41 -0.34
C SER A 225 12.75 17.41 0.23
N ARG A 226 12.23 16.49 -0.60
CA ARG A 226 11.33 15.47 -0.09
C ARG A 226 12.05 14.39 0.72
N LYS A 227 13.33 14.14 0.41
CA LYS A 227 14.03 13.03 1.07
C LYS A 227 14.16 13.25 2.57
N PRO A 228 14.51 14.43 3.07
CA PRO A 228 14.55 14.62 4.52
C PRO A 228 13.20 14.37 5.16
N GLU A 229 12.11 14.68 4.47
CA GLU A 229 10.78 14.42 5.05
C GLU A 229 10.51 12.93 5.06
N LYS A 230 10.92 12.21 4.01
CA LYS A 230 10.77 10.76 4.02
C LYS A 230 11.60 10.14 5.12
N LEU A 231 12.85 10.60 5.28
CA LEU A 231 13.74 10.06 6.31
C LEU A 231 13.21 10.38 7.71
N LYS A 232 12.72 11.61 7.94
CA LYS A 232 12.12 11.88 9.23
C LYS A 232 10.95 10.93 9.51
N THR A 233 10.13 10.66 8.50
CA THR A 233 8.97 9.80 8.72
C THR A 233 9.40 8.38 9.06
N LEU A 234 10.41 7.87 8.36
CA LEU A 234 10.84 6.50 8.61
C LEU A 234 11.62 6.39 9.91
N PHE A 235 12.46 7.38 10.23
CA PHE A 235 13.18 7.31 11.50
C PHE A 235 12.24 7.44 12.69
N CYS A 236 11.11 8.14 12.52
CA CYS A 236 10.10 8.16 13.58
C CYS A 236 9.59 6.76 13.87
N TYR A 237 9.28 6.00 12.81
CA TYR A 237 8.89 4.62 12.96
C TYR A 237 10.00 3.79 13.61
N PHE A 238 11.23 3.90 13.09
CA PHE A 238 12.31 3.06 13.61
C PHE A 238 12.60 3.38 15.07
N ARG A 239 12.53 4.66 15.44
CA ARG A 239 12.72 5.03 16.83
C ARG A 239 11.63 4.42 17.71
N ARG A 240 10.40 4.39 17.21
CA ARG A 240 9.28 3.86 17.98
C ARG A 240 9.44 2.36 18.20
N VAL A 241 9.69 1.60 17.13
CA VAL A 241 9.63 0.15 17.24
C VAL A 241 10.93 -0.47 17.76
N THR A 242 12.04 0.27 17.77
CA THR A 242 13.20 -0.22 18.51
C THR A 242 13.11 0.13 19.99
N ALA A 243 12.41 1.21 20.34
CA ALA A 243 12.30 1.59 21.75
C ALA A 243 11.39 0.63 22.50
N ALA A 244 10.23 0.31 21.92
CA ALA A 244 9.25 -0.59 22.53
C ALA A 244 8.68 -1.45 21.41
N ALA A 245 8.94 -2.74 21.48
CA ALA A 245 8.51 -3.65 20.44
C ALA A 245 6.99 -3.61 20.29
N PRO A 246 6.46 -3.43 19.07
CA PRO A 246 5.01 -3.56 18.88
C PRO A 246 4.57 -5.00 19.08
N THR A 247 3.33 -5.17 19.53
CA THR A 247 2.87 -6.47 20.00
C THR A 247 1.89 -7.16 19.06
N GLY A 248 1.46 -6.51 17.98
CA GLY A 248 0.37 -7.01 17.17
C GLY A 248 0.83 -7.78 15.95
N LEU A 249 -0.15 -8.18 15.15
CA LEU A 249 0.06 -8.92 13.90
C LEU A 249 -0.42 -8.11 12.70
N VAL A 250 0.08 -8.48 11.53
CA VAL A 250 -0.31 -7.90 10.24
C VAL A 250 -0.52 -9.06 9.26
N THR A 251 -1.58 -9.00 8.47
CA THR A 251 -1.84 -10.00 7.43
C THR A 251 -1.70 -9.35 6.06
N PHE A 252 -1.05 -10.07 5.14
CA PHE A 252 -0.89 -9.67 3.74
C PHE A 252 -1.53 -10.76 2.90
N THR A 253 -2.52 -10.38 2.07
CA THR A 253 -3.26 -11.36 1.29
C THR A 253 -3.22 -10.94 -0.17
N ARG A 254 -2.68 -11.80 -1.02
CA ARG A 254 -2.81 -11.60 -2.45
C ARG A 254 -4.11 -12.26 -2.88
N GLN A 255 -4.94 -11.51 -3.60
CA GLN A 255 -6.22 -11.99 -4.07
C GLN A 255 -6.28 -11.89 -5.59
N SER A 256 -6.59 -13.02 -6.23
CA SER A 256 -6.66 -13.14 -7.68
C SER A 256 -8.00 -13.76 -8.00
N LEU A 257 -8.82 -13.05 -8.79
CA LEU A 257 -10.15 -13.52 -9.14
C LEU A 257 -10.20 -13.98 -10.59
N GLU A 258 -11.05 -14.98 -10.87
CA GLU A 258 -11.28 -15.44 -12.22
C GLU A 258 -12.68 -15.19 -12.72
N ASP A 259 -13.68 -15.12 -11.84
CA ASP A 259 -15.07 -14.97 -12.23
C ASP A 259 -15.46 -13.52 -12.01
N PHE A 260 -15.51 -12.75 -13.11
CA PHE A 260 -15.84 -11.34 -13.02
C PHE A 260 -17.25 -11.09 -13.54
N PRO A 261 -17.92 -10.04 -13.05
CA PRO A 261 -19.30 -9.81 -13.48
C PRO A 261 -19.40 -9.61 -14.99
N GLU A 262 -20.53 -10.05 -15.55
CA GLU A 262 -20.96 -9.64 -16.89
C GLU A 262 -21.62 -8.28 -16.72
N TRP A 263 -20.81 -7.23 -16.82
CA TRP A 263 -21.25 -5.91 -16.34
C TRP A 263 -22.50 -5.44 -17.04
N GLU A 264 -22.67 -5.75 -18.31
CA GLU A 264 -23.82 -5.27 -19.05
C GLU A 264 -25.12 -5.93 -18.60
N ARG A 265 -25.05 -7.11 -17.97
CA ARG A 265 -26.24 -7.83 -17.53
C ARG A 265 -26.44 -7.79 -16.02
N CYS A 266 -25.62 -7.03 -15.30
CA CYS A 266 -25.71 -7.00 -13.84
C CYS A 266 -26.97 -6.24 -13.41
N GLU A 267 -27.83 -6.89 -12.62
CA GLU A 267 -29.09 -6.31 -12.20
C GLU A 267 -29.03 -5.68 -10.81
N LYS A 268 -27.86 -5.67 -10.17
CA LYS A 268 -27.76 -5.12 -8.83
C LYS A 268 -27.97 -3.61 -8.82
N PRO A 269 -28.60 -3.07 -7.78
CA PRO A 269 -28.76 -1.63 -7.66
C PRO A 269 -27.48 -0.98 -7.13
N LEU A 270 -27.43 0.34 -7.25
CA LEU A 270 -26.34 1.07 -6.63
C LEU A 270 -26.51 1.06 -5.12
N THR A 271 -25.39 1.28 -4.41
CA THR A 271 -25.38 1.32 -2.96
C THR A 271 -25.31 2.79 -2.50
N ARG A 272 -25.07 3.00 -1.21
CA ARG A 272 -25.10 4.34 -0.66
C ARG A 272 -23.78 5.08 -0.91
N LEU A 273 -23.86 6.40 -0.88
CA LEU A 273 -22.69 7.24 -1.14
C LEU A 273 -22.63 8.35 -0.10
N HIS A 274 -21.45 8.53 0.47
CA HIS A 274 -21.06 9.74 1.20
C HIS A 274 -19.90 10.33 0.41
N VAL A 275 -20.00 11.59 0.01
CA VAL A 275 -18.93 12.21 -0.75
C VAL A 275 -18.64 13.57 -0.14
N THR A 276 -17.36 13.90 0.00
CA THR A 276 -16.95 15.08 0.75
C THR A 276 -15.64 15.61 0.19
N TYR A 277 -15.48 16.93 0.18
CA TYR A 277 -14.22 17.50 -0.27
C TYR A 277 -13.25 17.78 0.87
N GLU A 278 -13.62 17.47 2.11
CA GLU A 278 -12.71 17.54 3.25
C GLU A 278 -12.40 16.15 3.77
N GLY A 279 -11.29 16.04 4.49
CA GLY A 279 -10.88 14.80 5.10
C GLY A 279 -9.98 13.95 4.23
N THR A 280 -9.49 12.87 4.83
CA THR A 280 -8.61 11.93 4.17
C THR A 280 -9.10 10.50 4.39
N ILE A 281 -8.67 9.61 3.50
CA ILE A 281 -9.03 8.20 3.64
C ILE A 281 -8.57 7.64 4.98
N GLU A 282 -7.33 7.94 5.38
CA GLU A 282 -6.78 7.28 6.55
C GLU A 282 -7.30 7.86 7.85
N GLU A 283 -7.69 9.14 7.87
CA GLU A 283 -8.20 9.71 9.12
C GLU A 283 -9.73 9.62 9.21
N ASN A 284 -10.45 9.93 8.14
CA ASN A 284 -11.91 9.95 8.16
C ASN A 284 -12.54 8.65 7.69
N GLY A 285 -11.75 7.73 7.12
CA GLY A 285 -12.25 6.42 6.76
C GLY A 285 -11.82 5.34 7.72
N GLN A 286 -11.70 5.67 9.00
CA GLN A 286 -11.24 4.68 9.97
C GLN A 286 -12.20 3.50 10.03
N GLY A 287 -11.65 2.30 10.01
CA GLY A 287 -12.45 1.09 10.06
C GLY A 287 -13.08 0.71 8.74
N MET A 288 -12.92 1.51 7.72
CA MET A 288 -13.46 1.22 6.41
C MET A 288 -12.38 0.57 5.56
N LEU A 289 -12.80 -0.01 4.45
CA LEU A 289 -11.84 -0.54 3.49
C LEU A 289 -11.15 0.64 2.81
N GLN A 290 -9.88 0.86 3.12
CA GLN A 290 -9.16 2.04 2.67
C GLN A 290 -8.39 1.72 1.38
N VAL A 291 -8.67 2.48 0.33
CA VAL A 291 -8.00 2.26 -0.95
C VAL A 291 -6.65 2.95 -0.95
N ASP A 292 -5.63 2.16 -1.30
CA ASP A 292 -4.34 2.59 -1.80
C ASP A 292 -4.37 2.75 -3.32
N PHE A 293 -4.16 3.98 -3.80
CA PHE A 293 -4.03 4.26 -5.24
C PHE A 293 -2.66 3.75 -5.69
N ALA A 294 -2.59 2.45 -5.96
CA ALA A 294 -1.30 1.77 -6.01
C ALA A 294 -0.66 1.78 -7.39
N ASN A 295 0.66 1.63 -7.39
CA ASN A 295 1.39 1.19 -8.57
C ASN A 295 1.33 -0.34 -8.63
N ARG A 296 1.38 -0.88 -9.85
CA ARG A 296 1.36 -2.33 -9.99
C ARG A 296 2.52 -2.98 -9.24
N PHE A 297 3.66 -2.29 -9.15
CA PHE A 297 4.69 -2.62 -8.16
C PHE A 297 4.28 -1.93 -6.86
N VAL A 298 3.77 -2.70 -5.88
CA VAL A 298 3.06 -2.08 -4.78
C VAL A 298 4.01 -1.17 -4.00
N GLY A 299 3.49 -0.03 -3.54
CA GLY A 299 4.28 0.98 -2.87
C GLY A 299 4.89 2.01 -3.79
N GLY A 300 4.90 1.77 -5.10
CA GLY A 300 5.36 2.79 -6.02
C GLY A 300 6.77 3.25 -5.71
N GLY A 301 6.94 4.57 -5.65
CA GLY A 301 8.24 5.15 -5.39
C GLY A 301 8.51 5.45 -3.93
N VAL A 302 7.96 4.65 -3.02
CA VAL A 302 8.05 5.02 -1.61
C VAL A 302 9.51 5.13 -1.15
N THR A 303 10.37 4.19 -1.56
CA THR A 303 11.78 4.27 -1.19
C THR A 303 12.65 4.79 -2.34
N SER A 304 12.06 5.54 -3.26
CA SER A 304 12.82 6.32 -4.24
C SER A 304 12.20 7.72 -4.29
N ALA A 305 11.57 8.11 -5.41
CA ALA A 305 11.21 9.52 -5.58
C ALA A 305 9.73 9.86 -5.38
N GLY A 306 8.82 8.88 -5.33
CA GLY A 306 7.39 9.22 -5.32
C GLY A 306 6.90 9.70 -3.97
N LEU A 307 5.91 10.59 -3.98
CA LEU A 307 5.35 11.08 -2.71
C LEU A 307 3.92 11.57 -2.88
N VAL A 308 3.07 10.78 -3.52
CA VAL A 308 1.64 11.07 -3.53
C VAL A 308 0.94 10.01 -2.71
N GLN A 309 -0.33 9.74 -2.99
CA GLN A 309 -1.18 9.09 -1.99
C GLN A 309 -0.61 7.76 -1.50
N GLU A 310 -0.19 6.89 -2.42
CA GLU A 310 0.32 5.58 -2.02
C GLU A 310 1.60 5.71 -1.18
N GLU A 311 2.55 6.50 -1.66
CA GLU A 311 3.82 6.62 -0.96
C GLU A 311 3.63 7.20 0.43
N ILE A 312 2.76 8.20 0.54
CA ILE A 312 2.47 8.81 1.84
C ILE A 312 1.94 7.75 2.79
N ARG A 313 0.97 6.94 2.35
CA ARG A 313 0.43 5.91 3.23
C ARG A 313 1.51 4.91 3.64
N PHE A 314 2.39 4.55 2.69
CA PHE A 314 3.45 3.60 3.02
C PHE A 314 4.47 4.22 3.97
N LEU A 315 4.59 5.54 4.01
CA LEU A 315 5.55 6.15 4.93
C LEU A 315 4.95 6.31 6.33
N ILE A 316 3.67 6.68 6.42
CA ILE A 316 3.10 6.88 7.75
C ILE A 316 2.69 5.55 8.38
N ASN A 317 2.50 4.51 7.57
CA ASN A 317 2.26 3.13 8.02
C ASN A 317 3.37 2.24 7.44
N PRO A 318 4.60 2.35 7.94
CA PRO A 318 5.74 1.71 7.24
C PRO A 318 5.65 0.19 7.13
N GLU A 319 4.86 -0.47 7.98
CA GLU A 319 4.71 -1.92 7.83
C GLU A 319 4.16 -2.28 6.45
N LEU A 320 3.45 -1.36 5.79
CA LEU A 320 3.06 -1.58 4.40
C LEU A 320 4.27 -1.83 3.50
N ILE A 321 5.40 -1.17 3.79
CA ILE A 321 6.57 -1.27 2.92
C ILE A 321 7.02 -2.72 2.75
N ILE A 322 6.87 -3.56 3.78
CA ILE A 322 7.43 -4.90 3.66
C ILE A 322 6.69 -5.76 2.64
N SER A 323 5.48 -5.36 2.23
CA SER A 323 4.82 -6.04 1.11
C SER A 323 5.72 -6.09 -0.11
N ARG A 324 6.63 -5.13 -0.25
CA ARG A 324 7.53 -5.11 -1.40
C ARG A 324 8.54 -6.24 -1.36
N LEU A 325 8.81 -6.79 -0.17
CA LEU A 325 9.75 -7.90 -0.07
C LEU A 325 9.21 -9.13 -0.80
N PHE A 326 7.91 -9.37 -0.72
CA PHE A 326 7.37 -10.62 -1.19
C PHE A 326 6.19 -10.53 -2.16
N THR A 327 5.76 -9.34 -2.59
CA THR A 327 4.59 -9.22 -3.47
C THR A 327 5.01 -8.99 -4.91
N GLU A 328 4.73 -9.97 -5.77
CA GLU A 328 5.04 -9.83 -7.19
C GLU A 328 4.13 -8.76 -7.79
N VAL A 329 4.60 -8.15 -8.88
CA VAL A 329 3.83 -7.12 -9.56
C VAL A 329 2.41 -7.63 -9.81
N LEU A 330 1.43 -6.77 -9.61
CA LEU A 330 0.03 -7.16 -9.73
C LEU A 330 -0.38 -7.30 -11.20
N ASP A 331 -1.05 -8.40 -11.52
CA ASP A 331 -1.68 -8.57 -12.82
C ASP A 331 -3.06 -7.91 -12.79
N HIS A 332 -3.73 -7.92 -13.94
CA HIS A 332 -4.95 -7.13 -14.07
C HIS A 332 -6.06 -7.61 -13.14
N ASN A 333 -6.07 -8.90 -12.78
CA ASN A 333 -7.15 -9.46 -11.99
C ASN A 333 -6.79 -9.63 -10.52
N GLU A 334 -5.79 -8.91 -10.02
CA GLU A 334 -5.29 -9.13 -8.67
C GLU A 334 -5.21 -7.84 -7.85
N CYS A 335 -5.19 -8.03 -6.54
CA CYS A 335 -4.95 -6.95 -5.59
C CYS A 335 -4.18 -7.51 -4.40
N LEU A 336 -3.76 -6.61 -3.52
CA LEU A 336 -3.13 -6.97 -2.25
C LEU A 336 -3.92 -6.31 -1.13
N ILE A 337 -4.29 -7.10 -0.13
CA ILE A 337 -5.10 -6.64 0.99
C ILE A 337 -4.25 -6.76 2.25
N ILE A 338 -4.09 -5.65 2.98
CA ILE A 338 -3.21 -5.63 4.15
C ILE A 338 -4.01 -5.19 5.36
N THR A 339 -4.04 -6.03 6.38
CA THR A 339 -4.86 -5.79 7.56
C THR A 339 -3.95 -5.74 8.79
N GLY A 340 -4.05 -4.65 9.55
CA GLY A 340 -3.34 -4.51 10.80
C GLY A 340 -2.18 -3.53 10.80
N THR A 341 -1.90 -2.82 9.72
CA THR A 341 -0.77 -1.90 9.80
C THR A 341 -1.15 -0.75 10.73
N GLU A 342 -0.13 -0.18 11.36
CA GLU A 342 -0.26 0.84 12.39
C GLU A 342 0.28 2.16 11.85
N GLN A 343 -0.37 3.25 12.23
CA GLN A 343 0.08 4.57 11.83
C GLN A 343 1.05 5.09 12.90
N TYR A 344 2.26 5.43 12.46
CA TYR A 344 3.30 5.92 13.36
C TYR A 344 3.58 7.41 13.23
N SER A 345 3.14 8.05 12.14
CA SER A 345 3.43 9.47 11.90
C SER A 345 2.19 10.22 11.47
N GLU A 346 2.16 11.52 11.76
CA GLU A 346 1.24 12.48 11.17
C GLU A 346 2.03 13.37 10.21
N TYR A 347 1.33 13.93 9.22
CA TYR A 347 1.94 14.66 8.12
C TYR A 347 1.03 15.80 7.68
N THR A 348 1.59 16.72 6.91
CA THR A 348 0.82 17.71 6.17
C THR A 348 1.29 17.70 4.72
N GLY A 349 0.44 18.20 3.84
CA GLY A 349 0.75 18.33 2.42
C GLY A 349 0.89 17.01 1.67
N TYR A 350 1.43 17.13 0.47
CA TYR A 350 1.73 15.98 -0.37
C TYR A 350 2.65 16.45 -1.49
N ALA A 351 3.33 15.50 -2.11
CA ALA A 351 4.31 15.80 -3.17
C ALA A 351 5.25 16.87 -2.64
N GLU A 352 5.43 17.98 -3.36
CA GLU A 352 6.43 18.98 -2.97
C GLU A 352 6.13 19.63 -1.63
N THR A 353 4.91 19.55 -1.13
CA THR A 353 4.57 20.15 0.16
C THR A 353 4.51 19.15 1.30
N TYR A 354 4.79 17.87 1.05
CA TYR A 354 4.74 16.89 2.13
C TYR A 354 5.75 17.27 3.22
N ARG A 355 5.30 17.21 4.47
CA ARG A 355 6.16 17.42 5.62
C ARG A 355 5.75 16.44 6.72
N TRP A 356 6.74 15.79 7.32
CA TRP A 356 6.51 15.07 8.56
C TRP A 356 6.10 16.05 9.66
N SER A 357 5.02 15.74 10.38
CA SER A 357 4.56 16.62 11.45
C SER A 357 5.04 16.19 12.84
N ARG A 358 4.76 14.95 13.21
CA ARG A 358 4.97 14.49 14.58
C ARG A 358 4.74 12.99 14.62
N SER A 359 5.15 12.38 15.73
CA SER A 359 4.79 11.00 16.01
C SER A 359 3.29 10.88 16.28
N HIS A 360 2.71 9.75 15.85
CA HIS A 360 1.30 9.46 16.01
C HIS A 360 1.12 8.23 16.88
N GLU A 361 0.28 8.33 17.91
CA GLU A 361 -0.09 7.19 18.73
C GLU A 361 -1.38 6.61 18.16
N ASP A 362 -1.27 5.42 17.56
CA ASP A 362 -2.43 4.80 16.91
C ASP A 362 -3.41 4.31 17.95
N GLY A 363 -4.67 4.72 17.81
CA GLY A 363 -5.68 4.38 18.79
C GLY A 363 -6.69 3.39 18.27
N SER A 364 -6.34 2.72 17.17
CA SER A 364 -7.23 1.72 16.61
C SER A 364 -7.35 0.53 17.56
N GLU A 365 -8.54 -0.04 17.65
CA GLU A 365 -8.71 -1.30 18.34
C GLU A 365 -8.03 -2.42 17.56
N ARG A 366 -7.76 -3.54 18.23
CA ARG A 366 -7.22 -4.74 17.59
C ARG A 366 -8.28 -5.83 17.55
N ASP A 367 -8.27 -6.62 16.49
CA ASP A 367 -9.23 -7.73 16.38
C ASP A 367 -8.69 -8.93 17.15
N ASP A 368 -9.41 -10.05 17.06
CA ASP A 368 -9.07 -11.26 17.82
C ASP A 368 -7.78 -11.92 17.36
N TRP A 369 -7.19 -11.47 16.26
CA TRP A 369 -5.85 -11.88 15.87
C TRP A 369 -4.81 -10.83 16.24
N GLN A 370 -5.15 -9.90 17.12
CA GLN A 370 -4.27 -8.80 17.52
C GLN A 370 -3.80 -7.96 16.33
N ARG A 371 -4.66 -7.79 15.33
CA ARG A 371 -4.38 -6.90 14.21
C ARG A 371 -5.11 -5.58 14.42
N ARG A 372 -4.42 -4.46 14.25
CA ARG A 372 -5.14 -3.20 14.23
C ARG A 372 -6.30 -3.30 13.25
N CYS A 373 -7.43 -2.66 13.58
CA CYS A 373 -8.64 -2.72 12.76
C CYS A 373 -8.56 -1.69 11.64
N THR A 374 -7.60 -1.93 10.76
CA THR A 374 -7.28 -1.04 9.65
C THR A 374 -7.03 -1.95 8.46
N GLU A 375 -7.84 -1.82 7.43
CA GLU A 375 -7.75 -2.66 6.24
C GLU A 375 -7.51 -1.78 5.03
N ILE A 376 -6.44 -2.08 4.30
CA ILE A 376 -6.01 -1.30 3.15
C ILE A 376 -5.92 -2.25 1.96
N VAL A 377 -6.46 -1.83 0.82
CA VAL A 377 -6.33 -2.63 -0.40
C VAL A 377 -5.59 -1.83 -1.45
N ALA A 378 -4.53 -2.44 -2.00
CA ALA A 378 -3.75 -1.88 -3.09
C ALA A 378 -4.35 -2.34 -4.42
N ILE A 379 -4.89 -1.40 -5.18
CA ILE A 379 -5.38 -1.63 -6.54
C ILE A 379 -4.75 -0.59 -7.45
N ASP A 380 -4.09 -1.05 -8.50
CA ASP A 380 -3.39 -0.17 -9.42
C ASP A 380 -4.31 0.20 -10.58
N ALA A 381 -4.47 1.49 -10.82
CA ALA A 381 -5.15 1.94 -12.02
C ALA A 381 -4.21 1.89 -13.22
N LEU A 382 -4.80 1.97 -14.41
CA LEU A 382 -4.01 2.09 -15.62
C LEU A 382 -3.47 3.50 -15.78
N HIS A 383 -2.34 3.59 -16.46
CA HIS A 383 -1.83 4.87 -16.92
C HIS A 383 -2.14 5.08 -18.40
N PHE A 384 -2.85 6.16 -18.67
CA PHE A 384 -3.39 6.49 -19.97
C PHE A 384 -2.53 7.60 -20.58
N ARG A 385 -1.81 7.26 -21.65
CA ARG A 385 -1.03 8.27 -22.36
C ARG A 385 -1.93 9.27 -23.08
N ARG A 386 -3.09 8.81 -23.56
CA ARG A 386 -4.07 9.67 -24.19
C ARG A 386 -5.35 9.63 -23.36
N TYR A 387 -5.92 10.82 -23.10
CA TYR A 387 -7.09 10.92 -22.24
C TYR A 387 -8.23 10.03 -22.71
N LEU A 388 -8.46 9.98 -24.03
CA LEU A 388 -9.62 9.24 -24.52
C LEU A 388 -9.45 7.72 -24.46
N ASP A 389 -8.22 7.23 -24.26
CA ASP A 389 -8.01 5.79 -24.20
C ASP A 389 -8.83 5.14 -23.08
N GLN A 390 -9.05 5.87 -21.97
CA GLN A 390 -9.70 5.25 -20.82
C GLN A 390 -11.17 4.98 -21.03
N PHE A 391 -11.80 5.56 -22.06
CA PHE A 391 -13.18 5.28 -22.37
C PHE A 391 -13.36 4.07 -23.28
N VAL A 392 -12.26 3.48 -23.75
CA VAL A 392 -12.37 2.26 -24.56
C VAL A 392 -12.99 1.16 -23.72
N PRO A 393 -13.98 0.42 -24.22
CA PRO A 393 -14.67 -0.57 -23.38
C PRO A 393 -13.73 -1.54 -22.68
N GLU A 394 -12.72 -2.08 -23.36
CA GLU A 394 -11.80 -2.98 -22.68
C GLU A 394 -11.15 -2.32 -21.48
N LYS A 395 -10.86 -1.02 -21.58
CA LYS A 395 -10.14 -0.32 -20.52
C LYS A 395 -11.06 0.03 -19.36
N MET A 396 -12.31 0.39 -19.64
CA MET A 396 -13.30 0.58 -18.58
C MET A 396 -13.55 -0.73 -17.84
N ARG A 397 -13.74 -1.82 -18.60
CA ARG A 397 -13.97 -3.12 -17.98
C ARG A 397 -12.78 -3.55 -17.13
N ARG A 398 -11.55 -3.28 -17.61
CA ARG A 398 -10.37 -3.59 -16.82
C ARG A 398 -10.42 -2.89 -15.48
N GLU A 399 -10.76 -1.59 -15.47
CA GLU A 399 -10.73 -0.88 -14.19
C GLU A 399 -11.88 -1.34 -13.28
N LEU A 400 -13.03 -1.61 -13.87
CA LEU A 400 -14.15 -2.14 -13.09
C LEU A 400 -13.76 -3.43 -12.40
N ASN A 401 -13.15 -4.35 -13.16
CA ASN A 401 -12.74 -5.63 -12.61
C ASN A 401 -11.63 -5.50 -11.57
N LYS A 402 -10.72 -4.53 -11.75
CA LYS A 402 -9.68 -4.31 -10.76
C LYS A 402 -10.27 -3.83 -9.45
N ALA A 403 -11.15 -2.82 -9.52
CA ALA A 403 -11.81 -2.33 -8.32
C ALA A 403 -12.66 -3.42 -7.69
N TYR A 404 -13.40 -4.16 -8.51
CA TYR A 404 -14.23 -5.26 -8.01
C TYR A 404 -13.39 -6.28 -7.26
N CYS A 405 -12.24 -6.67 -7.82
CA CYS A 405 -11.38 -7.61 -7.12
C CYS A 405 -10.90 -7.03 -5.79
N GLY A 406 -10.59 -5.73 -5.76
CA GLY A 406 -10.17 -5.11 -4.51
C GLY A 406 -11.28 -5.01 -3.47
N PHE A 407 -12.53 -4.91 -3.91
CA PHE A 407 -13.66 -4.76 -2.99
C PHE A 407 -14.31 -6.08 -2.58
N LEU A 408 -14.20 -7.12 -3.40
CA LEU A 408 -14.91 -8.36 -3.14
C LEU A 408 -14.23 -9.15 -2.03
N ARG A 409 -15.04 -9.71 -1.14
CA ARG A 409 -14.58 -10.63 -0.08
C ARG A 409 -15.41 -11.90 -0.21
N PRO A 410 -14.94 -12.86 -1.00
CA PRO A 410 -15.70 -14.11 -1.17
C PRO A 410 -15.95 -14.78 0.16
N GLY A 411 -17.21 -15.13 0.40
CA GLY A 411 -17.59 -15.82 1.61
C GLY A 411 -18.00 -14.93 2.77
N VAL A 412 -18.26 -13.65 2.52
CA VAL A 412 -18.63 -12.70 3.56
C VAL A 412 -19.96 -12.04 3.18
N SER A 413 -20.89 -11.98 4.12
CA SER A 413 -22.19 -11.37 3.87
C SER A 413 -22.05 -9.85 3.76
N SER A 414 -22.95 -9.25 2.96
CA SER A 414 -22.88 -7.82 2.72
C SER A 414 -23.04 -7.03 4.01
N GLU A 415 -23.91 -7.51 4.91
CA GLU A 415 -24.10 -6.83 6.18
C GLU A 415 -22.82 -6.81 7.02
N ASN A 416 -21.85 -7.64 6.68
CA ASN A 416 -20.59 -7.71 7.43
C ASN A 416 -19.45 -6.98 6.72
N LEU A 417 -19.73 -6.25 5.66
CA LEU A 417 -18.71 -5.55 4.87
C LEU A 417 -18.74 -4.06 5.18
N SER A 418 -17.59 -3.52 5.55
CA SER A 418 -17.46 -2.10 5.77
C SER A 418 -17.63 -1.33 4.46
N ALA A 419 -17.87 -0.03 4.58
CA ALA A 419 -17.88 0.81 3.39
C ALA A 419 -16.48 0.90 2.80
N VAL A 420 -16.41 1.26 1.51
CA VAL A 420 -15.15 1.51 0.82
C VAL A 420 -14.81 2.99 0.98
N ALA A 421 -13.62 3.29 1.48
CA ALA A 421 -13.15 4.68 1.59
C ALA A 421 -12.14 4.92 0.48
N THR A 422 -12.47 5.79 -0.46
CA THR A 422 -11.63 5.95 -1.64
C THR A 422 -11.70 7.40 -2.11
N GLY A 423 -11.15 7.64 -3.30
CA GLY A 423 -11.13 8.95 -3.92
C GLY A 423 -10.73 8.90 -5.38
N ASN A 424 -9.96 9.89 -5.84
CA ASN A 424 -9.65 10.06 -7.25
C ASN A 424 -8.57 9.07 -7.72
N TRP A 425 -8.92 7.80 -7.64
CA TRP A 425 -8.03 6.70 -8.02
C TRP A 425 -7.58 6.83 -9.47
N GLY A 426 -6.26 6.79 -9.67
CA GLY A 426 -5.67 6.82 -10.99
C GLY A 426 -5.70 8.17 -11.67
N CYS A 427 -6.11 9.21 -10.98
CA CYS A 427 -6.15 10.55 -11.55
C CYS A 427 -4.77 11.17 -11.34
N GLY A 428 -4.65 12.46 -11.56
CA GLY A 428 -3.31 13.04 -11.53
C GLY A 428 -2.39 12.39 -12.56
N ALA A 429 -1.28 11.81 -12.08
CA ALA A 429 -0.20 11.41 -12.98
C ALA A 429 -0.65 10.39 -14.02
N PHE A 430 -1.57 9.49 -13.66
CA PHE A 430 -1.98 8.44 -14.59
C PHE A 430 -3.06 8.90 -15.56
N GLY A 431 -3.49 10.16 -15.52
CA GLY A 431 -4.36 10.70 -16.54
C GLY A 431 -5.81 10.26 -16.47
N GLY A 432 -6.22 9.64 -15.36
CA GLY A 432 -7.60 9.23 -15.23
C GLY A 432 -8.54 10.40 -15.10
N ASP A 433 -9.76 10.19 -15.59
CA ASP A 433 -10.84 11.17 -15.47
C ASP A 433 -11.56 10.92 -14.15
N ALA A 434 -11.55 11.91 -13.25
CA ALA A 434 -12.10 11.69 -11.91
C ALA A 434 -13.58 11.32 -11.97
N ARG A 435 -14.35 11.94 -12.87
CA ARG A 435 -15.78 11.65 -12.91
C ARG A 435 -16.04 10.23 -13.41
N LEU A 436 -15.30 9.79 -14.42
CA LEU A 436 -15.41 8.39 -14.85
C LEU A 436 -14.95 7.44 -13.74
N LYS A 437 -13.78 7.72 -13.15
CA LYS A 437 -13.25 6.78 -12.15
C LYS A 437 -14.14 6.70 -10.93
N ALA A 438 -14.78 7.81 -10.56
CA ALA A 438 -15.74 7.77 -9.47
C ALA A 438 -16.92 6.85 -9.78
N LEU A 439 -17.45 6.96 -11.00
CA LEU A 439 -18.58 6.10 -11.39
C LEU A 439 -18.16 4.64 -11.48
N ILE A 440 -16.95 4.39 -11.97
CA ILE A 440 -16.46 3.01 -12.05
C ILE A 440 -16.35 2.40 -10.66
N GLN A 441 -15.86 3.17 -9.68
CA GLN A 441 -15.75 2.62 -8.34
C GLN A 441 -17.13 2.43 -7.71
N ILE A 442 -18.06 3.33 -8.01
CA ILE A 442 -19.43 3.19 -7.51
C ILE A 442 -20.06 1.91 -8.06
N LEU A 443 -19.84 1.62 -9.35
CA LEU A 443 -20.40 0.40 -9.94
C LEU A 443 -19.75 -0.85 -9.35
N ALA A 444 -18.42 -0.83 -9.20
CA ALA A 444 -17.71 -1.98 -8.63
C ALA A 444 -18.10 -2.21 -7.19
N ALA A 445 -18.20 -1.14 -6.41
CA ALA A 445 -18.68 -1.29 -5.03
C ALA A 445 -20.09 -1.85 -5.02
N ALA A 446 -20.96 -1.38 -5.93
CA ALA A 446 -22.32 -1.91 -5.98
C ALA A 446 -22.31 -3.41 -6.25
N ALA A 447 -21.49 -3.84 -7.21
CA ALA A 447 -21.42 -5.26 -7.53
C ALA A 447 -20.91 -6.07 -6.34
N ALA A 448 -19.96 -5.52 -5.59
CA ALA A 448 -19.47 -6.17 -4.38
C ALA A 448 -20.37 -5.93 -3.17
N GLU A 449 -21.46 -5.18 -3.34
CA GLU A 449 -22.45 -4.94 -2.27
C GLU A 449 -21.84 -4.17 -1.10
N ARG A 450 -21.09 -3.12 -1.44
CA ARG A 450 -20.48 -2.24 -0.45
C ARG A 450 -20.91 -0.81 -0.72
N ASP A 451 -21.03 -0.03 0.36
CA ASP A 451 -21.26 1.41 0.24
C ASP A 451 -19.93 2.12 -0.01
N VAL A 452 -20.02 3.38 -0.46
CA VAL A 452 -18.87 4.15 -0.91
C VAL A 452 -18.80 5.45 -0.12
N VAL A 453 -17.61 5.72 0.41
CA VAL A 453 -17.24 7.00 1.03
C VAL A 453 -16.11 7.57 0.18
N TYR A 454 -16.37 8.72 -0.45
CA TYR A 454 -15.51 9.26 -1.51
C TYR A 454 -14.95 10.60 -1.09
N PHE A 455 -13.61 10.72 -1.05
CA PHE A 455 -12.92 11.93 -0.63
C PHE A 455 -12.36 12.63 -1.87
N THR A 456 -12.91 13.81 -2.20
CA THR A 456 -12.45 14.52 -3.38
C THR A 456 -11.25 15.42 -3.12
N PHE A 457 -10.77 15.50 -1.88
CA PHE A 457 -9.50 16.14 -1.55
C PHE A 457 -9.43 17.59 -2.06
N GLY A 458 -10.43 18.37 -1.63
CA GLY A 458 -10.44 19.81 -1.88
C GLY A 458 -11.30 20.26 -3.03
N ASP A 459 -11.82 19.35 -3.84
CA ASP A 459 -12.54 19.68 -5.07
C ASP A 459 -14.04 19.65 -4.78
N SER A 460 -14.61 20.82 -4.49
CA SER A 460 -16.02 20.86 -4.10
C SER A 460 -16.95 20.67 -5.28
N GLU A 461 -16.56 21.13 -6.47
CA GLU A 461 -17.39 20.93 -7.66
C GLU A 461 -17.50 19.44 -7.97
N LEU A 462 -16.39 18.71 -7.86
CA LEU A 462 -16.42 17.28 -8.09
C LEU A 462 -17.32 16.58 -7.09
N MET A 463 -17.24 16.95 -5.81
CA MET A 463 -18.16 16.41 -4.81
C MET A 463 -19.60 16.57 -5.26
N ARG A 464 -19.99 17.80 -5.62
CA ARG A 464 -21.36 18.07 -6.04
C ARG A 464 -21.73 17.24 -7.27
N ASP A 465 -20.80 17.13 -8.22
CA ASP A 465 -21.06 16.42 -9.46
C ASP A 465 -21.28 14.93 -9.22
N ILE A 466 -20.43 14.31 -8.39
CA ILE A 466 -20.57 12.88 -8.07
C ILE A 466 -21.87 12.63 -7.33
N TYR A 467 -22.14 13.46 -6.32
CA TYR A 467 -23.41 13.35 -5.60
C TYR A 467 -24.59 13.45 -6.54
N SER A 468 -24.60 14.47 -7.40
CA SER A 468 -25.73 14.69 -8.31
C SER A 468 -25.95 13.50 -9.23
N MET A 469 -24.87 12.97 -9.81
CA MET A 469 -25.01 11.81 -10.67
C MET A 469 -25.51 10.60 -9.88
N HIS A 470 -24.97 10.40 -8.68
CA HIS A 470 -25.36 9.24 -7.88
C HIS A 470 -26.84 9.27 -7.53
N ILE A 471 -27.33 10.42 -7.06
CA ILE A 471 -28.74 10.54 -6.69
C ILE A 471 -29.63 10.41 -7.93
N PHE A 472 -29.19 11.00 -9.05
CA PHE A 472 -29.92 10.88 -10.31
C PHE A 472 -30.11 9.41 -10.68
N LEU A 473 -29.03 8.63 -10.63
CA LEU A 473 -29.11 7.24 -11.06
C LEU A 473 -29.93 6.40 -10.08
N THR A 474 -29.78 6.64 -8.78
CA THR A 474 -30.49 5.82 -7.80
C THR A 474 -31.98 6.12 -7.80
N GLU A 475 -32.35 7.40 -7.86
CA GLU A 475 -33.77 7.75 -7.86
C GLU A 475 -34.48 7.17 -9.08
N ARG A 476 -33.76 7.02 -10.19
CA ARG A 476 -34.31 6.39 -11.39
C ARG A 476 -34.09 4.88 -11.41
N LYS A 477 -33.51 4.34 -10.33
CA LYS A 477 -33.42 2.89 -10.12
C LYS A 477 -32.63 2.19 -11.21
N LEU A 478 -31.67 2.88 -11.81
CA LEU A 478 -30.78 2.24 -12.77
C LEU A 478 -29.87 1.24 -12.09
N THR A 479 -29.68 0.10 -12.76
CA THR A 479 -28.82 -0.96 -12.27
C THR A 479 -27.37 -0.72 -12.68
N VAL A 480 -26.47 -1.51 -12.10
CA VAL A 480 -25.08 -1.51 -12.55
C VAL A 480 -25.02 -1.66 -14.07
N GLY A 481 -25.74 -2.65 -14.60
CA GLY A 481 -25.72 -2.87 -16.03
C GLY A 481 -26.30 -1.72 -16.83
N ASP A 482 -27.40 -1.13 -16.37
CA ASP A 482 -27.94 0.06 -17.03
C ASP A 482 -26.86 1.13 -17.19
N VAL A 483 -26.11 1.39 -16.11
CA VAL A 483 -25.09 2.44 -16.15
C VAL A 483 -23.93 2.01 -17.03
N TYR A 484 -23.51 0.75 -16.94
CA TYR A 484 -22.38 0.32 -17.77
C TYR A 484 -22.72 0.45 -19.25
N LYS A 485 -23.97 0.16 -19.63
CA LYS A 485 -24.32 0.30 -21.04
C LYS A 485 -24.32 1.77 -21.45
N LEU A 486 -24.62 2.69 -20.53
CA LEU A 486 -24.51 4.11 -20.84
C LEU A 486 -23.07 4.52 -21.07
N LEU A 487 -22.13 3.93 -20.33
CA LEU A 487 -20.72 4.19 -20.58
C LEU A 487 -20.31 3.68 -21.95
N LEU A 488 -20.81 2.51 -22.36
CA LEU A 488 -20.50 1.99 -23.68
C LEU A 488 -21.06 2.93 -24.76
N ARG A 489 -22.25 3.48 -24.53
CA ARG A 489 -22.81 4.42 -25.50
C ARG A 489 -21.97 5.69 -25.58
N TYR A 490 -21.54 6.22 -24.44
CA TYR A 490 -20.68 7.39 -24.46
C TYR A 490 -19.45 7.14 -25.32
N TYR A 491 -18.79 6.01 -25.11
CA TYR A 491 -17.62 5.69 -25.91
C TYR A 491 -17.96 5.76 -27.39
N ASN A 492 -19.05 5.08 -27.78
CA ASN A 492 -19.35 4.96 -29.20
C ASN A 492 -19.81 6.28 -29.79
N GLU A 493 -20.55 7.08 -29.01
CA GLU A 493 -21.13 8.30 -29.55
C GLU A 493 -20.15 9.48 -29.50
N GLU A 494 -19.28 9.53 -28.49
CA GLU A 494 -18.43 10.69 -28.31
C GLU A 494 -16.93 10.43 -28.32
N CYS A 495 -16.49 9.17 -28.23
CA CYS A 495 -15.06 8.88 -28.13
C CYS A 495 -14.51 8.07 -29.30
N ARG A 496 -15.22 7.04 -29.76
CA ARG A 496 -14.65 6.13 -30.74
C ARG A 496 -14.13 6.85 -31.97
N ASN A 497 -14.93 7.75 -32.54
CA ASN A 497 -14.58 8.43 -33.79
C ASN A 497 -14.20 9.90 -33.57
N CYS A 498 -13.70 10.23 -32.38
CA CYS A 498 -13.29 11.58 -32.05
C CYS A 498 -11.85 11.82 -32.52
N SER A 499 -11.67 12.82 -33.39
CA SER A 499 -10.34 13.16 -33.88
C SER A 499 -9.61 14.15 -32.98
N THR A 500 -10.34 14.89 -32.12
CA THR A 500 -9.73 15.81 -31.17
C THR A 500 -9.30 15.06 -29.91
N PRO A 501 -8.29 15.58 -29.20
CA PRO A 501 -7.88 14.91 -27.94
C PRO A 501 -8.98 14.86 -26.91
N GLY A 502 -10.01 15.70 -27.01
CA GLY A 502 -11.10 15.70 -26.06
C GLY A 502 -12.45 15.55 -26.73
N PRO A 503 -13.39 14.92 -26.05
CA PRO A 503 -14.73 14.73 -26.61
C PRO A 503 -15.54 16.01 -26.63
N ASP A 504 -16.52 16.06 -27.54
CA ASP A 504 -17.37 17.23 -27.68
C ASP A 504 -18.29 17.43 -26.48
N ILE A 505 -18.75 16.34 -25.87
CA ILE A 505 -19.64 16.38 -24.71
C ILE A 505 -18.98 15.60 -23.59
N LYS A 506 -19.10 16.09 -22.37
CA LYS A 506 -18.54 15.43 -21.19
C LYS A 506 -19.42 14.24 -20.79
N LEU A 507 -18.84 13.35 -19.97
CA LEU A 507 -19.52 12.09 -19.64
C LEU A 507 -20.84 12.32 -18.90
N TYR A 508 -20.81 13.10 -17.82
CA TYR A 508 -22.00 13.19 -16.99
C TYR A 508 -23.11 13.91 -17.75
N PRO A 509 -22.81 15.00 -18.47
CA PRO A 509 -23.87 15.59 -19.32
C PRO A 509 -24.46 14.60 -20.30
N PHE A 510 -23.62 13.77 -20.93
CA PHE A 510 -24.12 12.76 -21.85
C PHE A 510 -25.10 11.83 -21.14
N ILE A 511 -24.74 11.35 -19.95
CA ILE A 511 -25.57 10.41 -19.22
C ILE A 511 -26.92 11.03 -18.86
N TYR A 512 -26.90 12.26 -18.34
CA TYR A 512 -28.16 12.93 -18.02
C TYR A 512 -29.05 13.01 -19.25
N HIS A 513 -28.48 13.40 -20.38
CA HIS A 513 -29.28 13.57 -21.59
C HIS A 513 -29.82 12.23 -22.08
N ALA A 514 -28.99 11.19 -22.02
CA ALA A 514 -29.42 9.89 -22.54
C ALA A 514 -30.56 9.32 -21.73
N VAL A 515 -30.50 9.46 -20.40
CA VAL A 515 -31.55 8.90 -19.55
C VAL A 515 -32.82 9.71 -19.67
N GLU A 516 -32.70 11.04 -19.71
CA GLU A 516 -33.86 11.93 -19.67
C GLU A 516 -34.51 12.17 -21.04
#